data_3P2O
#
_entry.id   3P2O
#
_cell.length_a   134.927
_cell.length_b   44.981
_cell.length_c   117.021
_cell.angle_alpha   90.00
_cell.angle_beta   119.84
_cell.angle_gamma   90.00
#
_symmetry.space_group_name_H-M   'C 1 2 1'
#
loop_
_entity.id
_entity.type
_entity.pdbx_description
1 polymer 'Bifunctional protein folD'
2 non-polymer NICOTINAMIDE-ADENINE-DINUCLEOTIDE
3 non-polymer GLYCEROL
4 water water
#
_entity_poly.entity_id   1
_entity_poly.type   'polypeptide(L)'
_entity_poly.pdbx_seq_one_letter_code
;SNA(MSE)TLLDGKALSAKIKEELKEKNQFLKSKGIESCLAVILVGDNPASQTYVKSKAKACEECGIKSLVYHLNENITQ
NELLALINTLNHDDSVHGILVQLPLPDHICKDLILESIISSKDVDGFHPINVGYLNLGLESGFLPCTPLGV(MSE)KLLK
AYEIDLEGKDAVIIGASNIVGRP(MSE)AT(MSE)LLNAGATVSVCHIKTKDLSLYTRQADLIIVAAGCVNLLRSD
(MSE)VKEGVIVVDVGINRLESGKIVGDVDFEEVSKKSSYITPVPGGVGP(MSE)TIA(MSE)LLENTVKSAKNRLN
;
_entity_poly.pdbx_strand_id   A,B
#
loop_
_chem_comp.id
_chem_comp.type
_chem_comp.name
_chem_comp.formula
GOL non-polymer GLYCEROL 'C3 H8 O3'
NAD non-polymer NICOTINAMIDE-ADENINE-DINUCLEOTIDE 'C21 H27 N7 O14 P2'
#
# COMPACT_ATOMS: atom_id res chain seq x y z
N SER A 1 24.95 27.27 -11.02
CA SER A 1 24.41 25.92 -11.15
C SER A 1 23.67 25.77 -12.45
N ASN A 2 23.56 24.55 -12.94
CA ASN A 2 22.87 24.29 -14.22
C ASN A 2 21.49 24.90 -14.38
N ALA A 3 21.08 25.04 -15.63
CA ALA A 3 19.76 25.56 -15.94
C ALA A 3 18.69 24.65 -15.39
N MSE A 4 17.81 25.23 -14.58
CA MSE A 4 16.59 24.55 -14.17
C MSE A 4 15.87 23.97 -15.38
O MSE A 4 15.91 24.54 -16.48
CB MSE A 4 15.67 25.55 -13.44
CG MSE A 4 14.37 24.95 -12.96
SE MSE A 4 13.05 24.86 -14.39
CE MSE A 4 13.17 26.68 -15.07
N THR A 5 15.20 22.83 -15.18
CA THR A 5 14.53 22.15 -16.28
C THR A 5 13.06 21.90 -15.99
N LEU A 6 12.20 22.33 -16.91
CA LEU A 6 10.78 22.17 -16.74
C LEU A 6 10.39 20.72 -17.01
N LEU A 7 9.74 20.10 -16.06
CA LEU A 7 9.22 18.76 -16.29
C LEU A 7 7.99 18.91 -17.19
N ASP A 8 8.19 18.84 -18.50
CA ASP A 8 7.17 19.26 -19.44
C ASP A 8 6.13 18.17 -19.76
N GLY A 9 5.09 18.10 -18.93
CA GLY A 9 4.11 17.03 -19.01
C GLY A 9 3.27 17.17 -20.26
N LYS A 10 3.09 18.40 -20.71
CA LYS A 10 2.32 18.65 -21.90
C LYS A 10 2.99 18.06 -23.14
N ALA A 11 4.29 18.29 -23.29
CA ALA A 11 4.97 17.71 -24.45
C ALA A 11 4.98 16.19 -24.38
N LEU A 12 5.32 15.63 -23.22
CA LEU A 12 5.38 14.18 -23.10
C LEU A 12 4.02 13.50 -23.41
N SER A 13 2.92 14.07 -22.93
CA SER A 13 1.62 13.48 -23.09
C SER A 13 1.24 13.52 -24.57
N ALA A 14 1.71 14.54 -25.27
CA ALA A 14 1.43 14.66 -26.70
C ALA A 14 2.21 13.61 -27.47
N LYS A 15 3.42 13.33 -27.02
CA LYS A 15 4.18 12.23 -27.60
C LYS A 15 3.47 10.87 -27.37
N ILE A 16 2.90 10.71 -26.17
CA ILE A 16 2.26 9.47 -25.79
C ILE A 16 0.97 9.25 -26.59
N LYS A 17 0.11 10.26 -26.62
CA LYS A 17 -1.11 10.22 -27.42
C LYS A 17 -0.80 9.84 -28.88
N GLU A 18 0.35 10.28 -29.39
CA GLU A 18 0.73 9.97 -30.76
C GLU A 18 1.05 8.49 -30.92
N GLU A 19 1.78 7.95 -29.95
CA GLU A 19 2.02 6.51 -29.85
C GLU A 19 0.71 5.74 -29.72
N LEU A 20 -0.15 6.19 -28.81
CA LEU A 20 -1.44 5.55 -28.62
C LEU A 20 -2.26 5.56 -29.93
N LYS A 21 -2.15 6.65 -30.69
CA LYS A 21 -2.84 6.77 -31.97
C LYS A 21 -2.45 5.62 -32.89
N GLU A 22 -1.15 5.42 -33.08
CA GLU A 22 -0.68 4.35 -33.93
C GLU A 22 -1.05 2.95 -33.39
N LYS A 23 -0.93 2.75 -32.08
CA LYS A 23 -1.32 1.47 -31.48
C LYS A 23 -2.78 1.15 -31.83
N ASN A 24 -3.66 2.13 -31.68
CA ASN A 24 -5.07 1.96 -32.02
C ASN A 24 -5.34 1.65 -33.47
N GLN A 25 -4.65 2.33 -34.39
CA GLN A 25 -4.79 2.01 -35.81
C GLN A 25 -4.49 0.53 -36.00
N PHE A 26 -3.40 0.07 -35.38
CA PHE A 26 -3.09 -1.35 -35.41
C PHE A 26 -4.20 -2.22 -34.83
N LEU A 27 -4.70 -1.86 -33.66
CA LEU A 27 -5.73 -2.66 -33.00
C LEU A 27 -7.06 -2.71 -33.77
N LYS A 28 -7.46 -1.58 -34.37
CA LYS A 28 -8.66 -1.57 -35.23
C LYS A 28 -8.56 -2.70 -36.25
N SER A 29 -7.44 -2.74 -36.97
CA SER A 29 -7.21 -3.76 -37.98
C SER A 29 -7.23 -5.21 -37.45
N LYS A 30 -7.13 -5.41 -36.14
CA LYS A 30 -7.30 -6.73 -35.55
C LYS A 30 -8.70 -6.86 -34.97
N GLY A 31 -9.55 -5.90 -35.29
CA GLY A 31 -10.93 -5.91 -34.85
C GLY A 31 -11.12 -5.49 -33.40
N ILE A 32 -10.12 -4.82 -32.85
CA ILE A 32 -10.21 -4.31 -31.48
C ILE A 32 -10.32 -2.81 -31.55
N GLU A 33 -11.42 -2.29 -31.00
CA GLU A 33 -11.68 -0.86 -31.02
C GLU A 33 -11.63 -0.36 -29.57
N SER A 34 -10.47 0.16 -29.14
CA SER A 34 -10.31 0.54 -27.73
C SER A 34 -11.48 1.39 -27.32
N CYS A 35 -12.04 1.11 -26.16
CA CYS A 35 -13.23 1.85 -25.76
C CYS A 35 -13.24 2.04 -24.27
N LEU A 36 -13.58 3.26 -23.87
CA LEU A 36 -13.57 3.63 -22.46
C LEU A 36 -14.91 4.14 -22.04
N ALA A 37 -15.41 3.64 -20.91
CA ALA A 37 -16.65 4.16 -20.35
C ALA A 37 -16.41 5.10 -19.18
N VAL A 38 -17.04 6.26 -19.23
CA VAL A 38 -16.93 7.20 -18.15
C VAL A 38 -18.27 7.50 -17.52
N ILE A 39 -18.33 7.36 -16.21
CA ILE A 39 -19.57 7.61 -15.50
C ILE A 39 -19.49 8.89 -14.66
N LEU A 40 -20.35 9.84 -14.99
CA LEU A 40 -20.42 11.10 -14.26
C LEU A 40 -21.76 11.23 -13.55
N VAL A 41 -21.73 11.23 -12.22
CA VAL A 41 -22.92 11.41 -11.40
C VAL A 41 -23.05 12.87 -10.96
N GLY A 42 -24.07 13.57 -11.45
CA GLY A 42 -24.33 14.94 -11.02
C GLY A 42 -23.68 15.98 -11.91
N ASP A 43 -23.86 17.26 -11.54
CA ASP A 43 -23.46 18.36 -12.44
C ASP A 43 -22.38 19.27 -11.88
N ASN A 44 -21.51 18.71 -11.06
CA ASN A 44 -20.32 19.40 -10.60
C ASN A 44 -19.58 20.00 -11.79
N PRO A 45 -19.33 21.33 -11.76
CA PRO A 45 -18.69 22.04 -12.87
C PRO A 45 -17.28 21.55 -13.16
N ALA A 46 -16.50 21.32 -12.10
CA ALA A 46 -15.16 20.76 -12.23
C ALA A 46 -15.20 19.32 -12.76
N SER A 47 -16.06 18.49 -12.19
CA SER A 47 -16.22 17.12 -12.67
C SER A 47 -16.57 17.16 -14.14
N GLN A 48 -17.53 18.00 -14.49
N GLN A 48 -17.53 18.00 -14.49
CA GLN A 48 -18.03 18.08 -15.86
CA GLN A 48 -18.03 18.07 -15.86
C GLN A 48 -16.91 18.38 -16.83
C GLN A 48 -16.91 18.38 -16.83
N THR A 49 -16.03 19.31 -16.45
CA THR A 49 -14.95 19.74 -17.33
C THR A 49 -13.88 18.65 -17.43
N TYR A 50 -13.64 17.97 -16.31
CA TYR A 50 -12.71 16.85 -16.30
C TYR A 50 -13.21 15.76 -17.27
N VAL A 51 -14.53 15.56 -17.29
CA VAL A 51 -15.10 14.55 -18.19
C VAL A 51 -14.94 14.96 -19.65
N LYS A 52 -15.33 16.18 -20.00
CA LYS A 52 -15.20 16.65 -21.38
C LYS A 52 -13.79 16.40 -21.90
N SER A 53 -12.81 16.79 -21.11
CA SER A 53 -11.40 16.67 -21.49
C SER A 53 -10.94 15.20 -21.61
N LYS A 54 -11.46 14.35 -20.74
CA LYS A 54 -11.23 12.92 -20.89
C LYS A 54 -11.80 12.44 -22.25
N ALA A 55 -13.04 12.79 -22.57
CA ALA A 55 -13.65 12.35 -23.84
C ALA A 55 -12.88 12.84 -25.05
N LYS A 56 -12.39 14.08 -24.95
CA LYS A 56 -11.72 14.75 -26.05
C LYS A 56 -10.34 14.16 -26.27
N ALA A 57 -9.65 13.81 -25.20
CA ALA A 57 -8.37 13.13 -25.33
C ALA A 57 -8.59 11.74 -25.94
N CYS A 58 -9.68 11.08 -25.57
CA CYS A 58 -10.01 9.78 -26.16
C CYS A 58 -10.15 9.89 -27.68
N GLU A 59 -11.03 10.77 -28.13
CA GLU A 59 -11.25 10.93 -29.57
C GLU A 59 -9.92 11.22 -30.29
N GLU A 60 -9.12 12.12 -29.73
CA GLU A 60 -7.80 12.44 -30.27
C GLU A 60 -7.03 11.20 -30.70
N CYS A 61 -6.89 10.22 -29.80
CA CYS A 61 -5.93 9.17 -30.08
C CYS A 61 -6.51 7.84 -30.58
N GLY A 62 -7.80 7.81 -30.88
CA GLY A 62 -8.39 6.68 -31.55
C GLY A 62 -9.08 5.77 -30.55
N ILE A 63 -9.47 6.33 -29.41
CA ILE A 63 -10.20 5.59 -28.40
C ILE A 63 -11.63 6.06 -28.40
N LYS A 64 -12.55 5.13 -28.49
CA LYS A 64 -13.97 5.44 -28.52
C LYS A 64 -14.42 5.65 -27.09
N SER A 65 -15.15 6.72 -26.83
CA SER A 65 -15.58 6.94 -25.46
C SER A 65 -17.09 6.90 -25.30
N LEU A 66 -17.53 6.38 -24.15
CA LEU A 66 -18.93 6.38 -23.78
C LEU A 66 -19.14 7.17 -22.51
N VAL A 67 -19.90 8.26 -22.60
CA VAL A 67 -20.17 9.05 -21.41
C VAL A 67 -21.57 8.89 -20.87
N TYR A 68 -21.66 8.46 -19.62
CA TYR A 68 -22.93 8.27 -18.93
C TYR A 68 -23.14 9.38 -17.92
N HIS A 69 -24.10 10.23 -18.18
CA HIS A 69 -24.29 11.38 -17.33
C HIS A 69 -25.54 11.19 -16.50
N LEU A 70 -25.35 10.85 -15.22
CA LEU A 70 -26.46 10.45 -14.37
C LEU A 70 -26.82 11.52 -13.36
N ASN A 71 -28.07 11.45 -12.91
CA ASN A 71 -28.63 12.42 -11.95
C ASN A 71 -27.91 12.42 -10.60
N GLU A 72 -27.66 13.62 -10.07
CA GLU A 72 -27.03 13.81 -8.76
C GLU A 72 -27.67 12.97 -7.66
N ASN A 73 -28.90 12.52 -7.90
CA ASN A 73 -29.68 11.86 -6.86
C ASN A 73 -29.97 10.39 -7.15
N ILE A 74 -29.35 9.83 -8.18
CA ILE A 74 -29.57 8.42 -8.50
C ILE A 74 -29.13 7.48 -7.37
N THR A 75 -29.73 6.30 -7.37
CA THR A 75 -29.52 5.30 -6.33
C THR A 75 -28.18 4.61 -6.42
N GLN A 76 -27.63 4.24 -5.27
CA GLN A 76 -26.49 3.34 -5.25
C GLN A 76 -26.74 2.11 -6.15
N ASN A 77 -27.96 1.57 -6.12
CA ASN A 77 -28.31 0.39 -6.93
C ASN A 77 -28.29 0.62 -8.43
N GLU A 78 -28.88 1.74 -8.87
CA GLU A 78 -28.93 2.07 -10.28
C GLU A 78 -27.51 2.19 -10.87
N LEU A 79 -26.61 2.74 -10.07
CA LEU A 79 -25.23 2.94 -10.49
C LEU A 79 -24.51 1.58 -10.55
N LEU A 80 -24.68 0.80 -9.50
CA LEU A 80 -24.21 -0.59 -9.47
C LEU A 80 -24.68 -1.44 -10.65
N ALA A 81 -25.96 -1.30 -11.03
CA ALA A 81 -26.46 -2.06 -12.18
C ALA A 81 -25.79 -1.63 -13.47
N LEU A 82 -25.65 -0.32 -13.67
CA LEU A 82 -24.92 0.17 -14.85
C LEU A 82 -23.51 -0.42 -14.91
N ILE A 83 -22.79 -0.33 -13.80
CA ILE A 83 -21.44 -0.87 -13.81
C ILE A 83 -21.52 -2.35 -14.21
N ASN A 84 -22.54 -3.05 -13.72
CA ASN A 84 -22.66 -4.49 -14.01
C ASN A 84 -22.77 -4.75 -15.50
N THR A 85 -23.69 -4.06 -16.15
CA THR A 85 -23.78 -4.11 -17.60
C THR A 85 -22.41 -3.86 -18.26
N LEU A 86 -21.78 -2.73 -17.92
CA LEU A 86 -20.47 -2.41 -18.51
C LEU A 86 -19.40 -3.46 -18.25
N ASN A 87 -19.37 -4.01 -17.03
CA ASN A 87 -18.46 -5.10 -16.73
C ASN A 87 -18.62 -6.24 -17.77
N HIS A 88 -19.86 -6.53 -18.16
CA HIS A 88 -20.12 -7.67 -19.06
C HIS A 88 -20.01 -7.38 -20.56
N ASP A 89 -19.88 -6.10 -20.92
CA ASP A 89 -19.88 -5.74 -22.33
C ASP A 89 -18.47 -5.90 -22.92
N ASP A 90 -18.32 -6.82 -23.86
CA ASP A 90 -16.97 -7.16 -24.33
C ASP A 90 -16.35 -6.09 -25.20
N SER A 91 -17.16 -5.12 -25.62
CA SER A 91 -16.67 -4.03 -26.43
C SER A 91 -16.17 -2.86 -25.56
N VAL A 92 -16.28 -2.99 -24.25
CA VAL A 92 -15.81 -1.95 -23.34
C VAL A 92 -14.57 -2.46 -22.64
N HIS A 93 -13.50 -1.66 -22.68
CA HIS A 93 -12.21 -2.11 -22.18
C HIS A 93 -11.81 -1.43 -20.88
N GLY A 94 -12.44 -0.29 -20.62
CA GLY A 94 -12.16 0.52 -19.47
C GLY A 94 -13.42 1.14 -18.91
N ILE A 95 -13.51 1.11 -17.60
CA ILE A 95 -14.65 1.70 -16.91
C ILE A 95 -14.11 2.62 -15.84
N LEU A 96 -14.65 3.82 -15.77
CA LEU A 96 -14.17 4.80 -14.83
C LEU A 96 -15.35 5.53 -14.26
N VAL A 97 -15.36 5.70 -12.94
CA VAL A 97 -16.35 6.56 -12.31
C VAL A 97 -15.67 7.88 -11.99
N GLN A 98 -16.32 8.99 -12.32
CA GLN A 98 -15.76 10.31 -12.03
C GLN A 98 -15.98 10.67 -10.56
N LEU A 99 -14.89 10.98 -9.87
CA LEU A 99 -14.95 11.37 -8.47
C LEU A 99 -14.96 12.90 -8.34
N PRO A 100 -15.60 13.42 -7.27
CA PRO A 100 -16.20 12.63 -6.19
C PRO A 100 -17.64 12.21 -6.49
N LEU A 101 -18.08 11.16 -5.81
CA LEU A 101 -19.47 10.74 -5.85
C LEU A 101 -20.25 11.51 -4.78
N PRO A 102 -21.59 11.56 -4.92
CA PRO A 102 -22.37 12.19 -3.85
C PRO A 102 -22.25 11.49 -2.48
N ASP A 103 -22.46 12.25 -1.41
CA ASP A 103 -22.28 11.76 -0.04
C ASP A 103 -23.10 10.51 0.27
N HIS A 104 -24.25 10.37 -0.37
CA HIS A 104 -25.18 9.27 -0.09
C HIS A 104 -24.79 7.95 -0.75
N ILE A 105 -23.68 7.98 -1.49
CA ILE A 105 -23.20 6.77 -2.15
C ILE A 105 -21.83 6.32 -1.63
N CYS A 106 -21.75 5.04 -1.25
CA CYS A 106 -20.53 4.42 -0.76
C CYS A 106 -19.49 4.27 -1.87
N LYS A 107 -18.46 5.09 -1.81
CA LYS A 107 -17.45 5.15 -2.85
C LYS A 107 -16.72 3.82 -2.99
N ASP A 108 -16.27 3.27 -1.86
CA ASP A 108 -15.48 2.04 -1.88
C ASP A 108 -16.29 0.91 -2.49
N LEU A 109 -17.55 0.86 -2.13
CA LEU A 109 -18.44 -0.16 -2.67
C LEU A 109 -18.51 -0.03 -4.21
N ILE A 110 -18.67 1.19 -4.69
CA ILE A 110 -18.76 1.44 -6.13
C ILE A 110 -17.51 1.04 -6.92
N LEU A 111 -16.34 1.41 -6.39
CA LEU A 111 -15.08 1.21 -7.09
C LEU A 111 -14.70 -0.26 -7.10
N GLU A 112 -15.07 -0.97 -6.05
CA GLU A 112 -14.81 -2.39 -5.96
C GLU A 112 -15.78 -3.17 -6.86
N SER A 113 -16.91 -2.58 -7.21
CA SER A 113 -17.87 -3.25 -8.08
C SER A 113 -17.41 -3.26 -9.54
N ILE A 114 -16.46 -2.40 -9.90
CA ILE A 114 -15.95 -2.38 -11.27
C ILE A 114 -15.06 -3.61 -11.50
N ILE A 115 -15.25 -4.31 -12.60
CA ILE A 115 -14.46 -5.52 -12.81
C ILE A 115 -13.01 -5.13 -12.93
N SER A 116 -12.15 -5.87 -12.26
CA SER A 116 -10.81 -5.37 -11.99
C SER A 116 -9.98 -5.28 -13.26
N SER A 117 -10.35 -6.05 -14.28
CA SER A 117 -9.67 -6.00 -15.59
C SER A 117 -10.09 -4.81 -16.47
N LYS A 118 -11.04 -4.01 -16.00
CA LYS A 118 -11.43 -2.79 -16.75
C LYS A 118 -11.20 -1.57 -15.86
N ASP A 119 -10.48 -1.78 -14.76
CA ASP A 119 -10.36 -0.79 -13.71
C ASP A 119 -9.19 0.14 -14.04
N VAL A 120 -9.36 0.92 -15.10
CA VAL A 120 -8.28 1.72 -15.66
C VAL A 120 -7.79 2.85 -14.73
N ASP A 121 -8.61 3.25 -13.75
CA ASP A 121 -8.18 4.17 -12.68
C ASP A 121 -7.35 3.52 -11.59
N GLY A 122 -7.33 2.18 -11.56
CA GLY A 122 -6.54 1.41 -10.60
C GLY A 122 -7.01 1.50 -9.16
N PHE A 123 -8.29 1.83 -8.96
CA PHE A 123 -8.83 1.94 -7.59
C PHE A 123 -9.46 0.68 -7.01
N HIS A 124 -9.59 -0.37 -7.82
CA HIS A 124 -10.12 -1.61 -7.27
C HIS A 124 -9.13 -2.12 -6.20
N PRO A 125 -9.66 -2.59 -5.07
CA PRO A 125 -8.82 -3.13 -4.00
C PRO A 125 -7.80 -4.14 -4.49
N ILE A 126 -8.09 -4.91 -5.52
CA ILE A 126 -7.11 -5.94 -5.87
C ILE A 126 -5.99 -5.28 -6.63
N ASN A 127 -6.33 -4.26 -7.39
CA ASN A 127 -5.31 -3.50 -8.10
C ASN A 127 -4.46 -2.65 -7.16
N VAL A 128 -5.09 -2.14 -6.12
CA VAL A 128 -4.33 -1.43 -5.09
C VAL A 128 -3.38 -2.42 -4.39
N GLY A 129 -3.82 -3.68 -4.25
CA GLY A 129 -2.99 -4.67 -3.60
C GLY A 129 -1.79 -5.07 -4.43
N TYR A 130 -2.00 -5.30 -5.72
CA TYR A 130 -0.90 -5.66 -6.62
C TYR A 130 0.24 -4.63 -6.53
N LEU A 131 -0.13 -3.35 -6.58
CA LEU A 131 0.84 -2.28 -6.49
C LEU A 131 1.67 -2.34 -5.20
N ASN A 132 0.98 -2.41 -4.08
CA ASN A 132 1.60 -2.46 -2.77
C ASN A 132 2.52 -3.66 -2.60
N LEU A 133 2.30 -4.70 -3.37
CA LEU A 133 3.11 -5.91 -3.29
C LEU A 133 4.31 -5.77 -4.20
N GLY A 134 4.32 -4.73 -5.02
CA GLY A 134 5.46 -4.48 -5.88
C GLY A 134 5.30 -4.92 -7.32
N LEU A 135 4.10 -5.43 -7.65
CA LEU A 135 3.79 -5.86 -9.02
C LEU A 135 3.28 -4.67 -9.77
N GLU A 136 3.88 -4.33 -10.89
CA GLU A 136 3.44 -3.16 -11.64
C GLU A 136 3.01 -3.60 -13.02
N SER A 137 2.54 -4.85 -13.06
CA SER A 137 1.91 -5.47 -14.20
C SER A 137 0.48 -4.96 -14.43
N GLY A 138 -0.37 -5.04 -13.39
CA GLY A 138 -1.78 -4.67 -13.48
C GLY A 138 -2.04 -3.20 -13.77
N PHE A 139 -3.20 -2.71 -13.35
CA PHE A 139 -3.56 -1.30 -13.52
C PHE A 139 -3.08 -0.36 -12.37
N LEU A 140 -2.34 0.67 -12.74
CA LEU A 140 -1.79 1.64 -11.78
C LEU A 140 -2.56 2.99 -11.81
N PRO A 141 -2.81 3.60 -10.65
CA PRO A 141 -3.59 4.85 -10.69
C PRO A 141 -2.91 5.87 -11.62
N CYS A 142 -3.71 6.63 -12.36
CA CYS A 142 -3.16 7.47 -13.45
C CYS A 142 -2.24 8.62 -13.03
N THR A 143 -2.59 9.33 -11.98
CA THR A 143 -1.78 10.47 -11.56
C THR A 143 -0.37 10.05 -11.13
N PRO A 144 -0.26 9.19 -10.10
CA PRO A 144 1.11 8.81 -9.71
C PRO A 144 1.84 8.08 -10.81
N LEU A 145 1.12 7.34 -11.66
CA LEU A 145 1.77 6.65 -12.78
C LEU A 145 2.39 7.68 -13.74
N GLY A 146 1.63 8.74 -14.02
CA GLY A 146 2.10 9.80 -14.91
C GLY A 146 3.31 10.54 -14.36
N VAL A 147 3.35 10.72 -13.05
CA VAL A 147 4.56 11.25 -12.40
C VAL A 147 5.74 10.35 -12.69
N MSE A 148 5.55 9.05 -12.53
CA MSE A 148 6.67 8.16 -12.75
C MSE A 148 7.12 8.21 -14.20
O MSE A 148 8.32 8.25 -14.47
CB MSE A 148 6.33 6.75 -12.30
CG MSE A 148 5.85 6.68 -10.87
SE MSE A 148 7.39 6.91 -9.65
CE MSE A 148 8.65 5.70 -10.51
N LYS A 149 6.19 8.21 -15.16
CA LYS A 149 6.61 8.25 -16.56
C LYS A 149 7.41 9.52 -16.81
N LEU A 150 6.89 10.63 -16.31
CA LEU A 150 7.48 11.93 -16.53
C LEU A 150 8.92 11.95 -16.00
N LEU A 151 9.12 11.47 -14.78
CA LEU A 151 10.45 11.37 -14.20
C LEU A 151 11.35 10.48 -15.03
N LYS A 152 10.82 9.33 -15.45
CA LYS A 152 11.57 8.38 -16.28
C LYS A 152 12.00 9.03 -17.62
N ALA A 153 11.08 9.78 -18.24
CA ALA A 153 11.35 10.45 -19.51
C ALA A 153 12.54 11.42 -19.42
N TYR A 154 12.73 12.01 -18.24
CA TYR A 154 13.86 12.91 -18.02
C TYR A 154 15.03 12.17 -17.39
N GLU A 155 14.97 10.85 -17.42
CA GLU A 155 16.09 10.03 -16.97
C GLU A 155 16.48 10.35 -15.54
N ILE A 156 15.50 10.45 -14.66
CA ILE A 156 15.82 10.74 -13.26
C ILE A 156 16.03 9.47 -12.44
N ASP A 157 17.27 9.24 -12.00
CA ASP A 157 17.55 8.10 -11.13
C ASP A 157 16.82 8.31 -9.81
N LEU A 158 16.17 7.27 -9.29
CA LEU A 158 15.38 7.37 -8.05
C LEU A 158 15.88 6.41 -6.99
N GLU A 159 16.66 5.43 -7.40
CA GLU A 159 17.17 4.47 -6.44
C GLU A 159 18.04 5.20 -5.41
N GLY A 160 17.69 5.00 -4.14
CA GLY A 160 18.47 5.54 -3.04
C GLY A 160 18.09 6.97 -2.66
N LYS A 161 17.27 7.62 -3.47
CA LYS A 161 16.95 9.04 -3.23
C LYS A 161 16.11 9.24 -1.98
N ASP A 162 16.15 10.46 -1.44
CA ASP A 162 15.24 10.86 -0.36
C ASP A 162 14.03 11.55 -0.98
N ALA A 163 12.88 10.87 -0.91
CA ALA A 163 11.68 11.40 -1.52
C ALA A 163 10.62 11.66 -0.47
N VAL A 164 9.97 12.82 -0.58
CA VAL A 164 8.89 13.19 0.31
C VAL A 164 7.60 13.33 -0.52
N ILE A 165 6.53 12.67 -0.09
CA ILE A 165 5.22 12.82 -0.71
C ILE A 165 4.33 13.55 0.26
N ILE A 166 3.87 14.73 -0.15
CA ILE A 166 3.01 15.51 0.72
C ILE A 166 1.55 15.32 0.34
N GLY A 167 0.77 14.74 1.24
CA GLY A 167 -0.56 14.27 0.91
C GLY A 167 -0.60 12.75 0.93
N ALA A 168 -1.64 12.18 1.52
CA ALA A 168 -1.72 10.72 1.65
C ALA A 168 -3.04 10.08 1.13
N SER A 169 -3.61 10.63 0.08
CA SER A 169 -4.91 10.13 -0.40
C SER A 169 -4.75 8.83 -1.18
N ASN A 170 -5.88 8.18 -1.43
CA ASN A 170 -5.88 6.95 -2.23
C ASN A 170 -5.70 7.25 -3.71
N ILE A 171 -6.15 8.42 -4.13
CA ILE A 171 -6.04 8.80 -5.53
C ILE A 171 -4.60 9.11 -5.96
N VAL A 172 -3.82 9.70 -5.05
CA VAL A 172 -2.47 10.16 -5.39
C VAL A 172 -1.40 9.72 -4.39
N GLY A 173 -1.42 10.32 -3.20
CA GLY A 173 -0.35 10.20 -2.21
C GLY A 173 0.11 8.78 -1.94
N ARG A 174 -0.82 7.91 -1.54
CA ARG A 174 -0.41 6.54 -1.17
C ARG A 174 0.15 5.74 -2.33
N PRO A 175 -0.52 5.77 -3.51
CA PRO A 175 0.10 5.05 -4.62
C PRO A 175 1.39 5.69 -5.09
N MSE A 176 1.47 7.02 -5.05
CA MSE A 176 2.69 7.75 -5.42
C MSE A 176 3.84 7.21 -4.59
O MSE A 176 4.89 6.89 -5.14
CB MSE A 176 2.53 9.24 -5.15
CG MSE A 176 3.75 10.06 -5.57
SE MSE A 176 3.82 10.21 -7.52
CE MSE A 176 5.22 9.00 -8.01
N ALA A 177 3.62 7.09 -3.29
CA ALA A 177 4.67 6.68 -2.35
C ALA A 177 5.09 5.24 -2.56
N THR A 178 4.12 4.40 -2.89
CA THR A 178 4.38 2.99 -3.14
C THR A 178 5.25 2.87 -4.39
N MSE A 179 4.91 3.64 -5.42
CA MSE A 179 5.71 3.55 -6.66
C MSE A 179 7.14 4.05 -6.50
O MSE A 179 8.07 3.46 -7.04
CB MSE A 179 5.04 4.30 -7.80
CG MSE A 179 3.69 3.72 -8.19
SE MSE A 179 2.88 4.72 -9.63
CE MSE A 179 1.01 4.24 -9.36
N LEU A 180 7.33 5.14 -5.75
CA LEU A 180 8.70 5.62 -5.47
C LEU A 180 9.44 4.57 -4.64
N LEU A 181 8.75 3.97 -3.68
CA LEU A 181 9.37 2.94 -2.85
C LEU A 181 9.68 1.69 -3.69
N ASN A 182 8.80 1.38 -4.64
CA ASN A 182 9.03 0.28 -5.59
C ASN A 182 10.26 0.55 -6.45
N ALA A 183 10.55 1.82 -6.67
CA ALA A 183 11.68 2.19 -7.52
C ALA A 183 12.98 2.32 -6.71
N GLY A 184 12.91 2.04 -5.41
CA GLY A 184 14.13 1.99 -4.61
C GLY A 184 14.47 3.28 -3.89
N ALA A 185 13.49 4.19 -3.86
CA ALA A 185 13.57 5.42 -3.10
C ALA A 185 13.20 5.17 -1.65
N THR A 186 13.75 5.98 -0.75
CA THR A 186 13.33 6.05 0.64
C THR A 186 12.18 7.02 0.59
N VAL A 187 11.04 6.67 1.21
CA VAL A 187 9.89 7.57 1.13
C VAL A 187 9.44 8.04 2.49
N SER A 188 8.99 9.28 2.55
CA SER A 188 8.32 9.79 3.72
C SER A 188 6.95 10.26 3.27
N VAL A 189 5.92 9.88 4.02
CA VAL A 189 4.60 10.35 3.71
C VAL A 189 4.07 11.30 4.76
N CYS A 190 3.78 12.53 4.33
CA CYS A 190 3.26 13.56 5.22
C CYS A 190 1.84 13.93 4.85
N HIS A 191 1.16 14.59 5.78
CA HIS A 191 -0.22 14.96 5.54
C HIS A 191 -0.59 16.00 6.57
N ILE A 192 -1.86 16.34 6.64
CA ILE A 192 -2.31 17.47 7.42
C ILE A 192 -1.96 17.33 8.91
N LYS A 193 -1.77 16.09 9.36
CA LYS A 193 -1.44 15.89 10.77
C LYS A 193 0.06 15.91 11.04
N THR A 194 0.89 16.06 10.01
CA THR A 194 2.33 16.10 10.24
C THR A 194 2.68 17.33 11.10
N LYS A 195 3.56 17.12 12.09
CA LYS A 195 3.94 18.17 13.03
C LYS A 195 4.70 19.27 12.30
N ASP A 196 5.62 18.88 11.43
CA ASP A 196 6.51 19.86 10.82
C ASP A 196 7.05 19.35 9.50
N LEU A 197 6.51 19.89 8.43
CA LEU A 197 6.82 19.49 7.06
C LEU A 197 8.29 19.73 6.66
N SER A 198 8.88 20.84 7.11
CA SER A 198 10.26 21.18 6.71
C SER A 198 11.26 20.16 7.25
N LEU A 199 10.92 19.55 8.39
CA LEU A 199 11.72 18.46 8.91
C LEU A 199 12.05 17.49 7.78
N TYR A 200 11.04 17.15 6.98
CA TYR A 200 11.21 16.18 5.88
C TYR A 200 11.67 16.83 4.57
N THR A 201 11.18 18.03 4.28
CA THR A 201 11.39 18.61 2.95
C THR A 201 12.80 19.15 2.76
N ARG A 202 13.36 19.76 3.80
CA ARG A 202 14.69 20.36 3.71
C ARG A 202 15.75 19.36 3.23
N GLN A 203 15.51 18.09 3.53
N GLN A 203 15.50 18.09 3.49
CA GLN A 203 16.47 17.03 3.26
CA GLN A 203 16.50 17.07 3.22
C GLN A 203 16.18 16.27 1.96
C GLN A 203 16.23 16.36 1.90
N ALA A 204 15.06 16.61 1.33
CA ALA A 204 14.57 15.86 0.18
C ALA A 204 15.28 16.14 -1.14
N ASP A 205 15.62 15.06 -1.84
CA ASP A 205 16.01 15.10 -3.25
C ASP A 205 14.77 15.26 -4.12
N LEU A 206 13.64 14.74 -3.67
CA LEU A 206 12.43 14.71 -4.52
C LEU A 206 11.24 14.99 -3.65
N ILE A 207 10.43 15.94 -4.09
CA ILE A 207 9.20 16.23 -3.39
C ILE A 207 8.05 16.15 -4.36
N ILE A 208 7.07 15.33 -4.00
CA ILE A 208 5.85 15.29 -4.74
C ILE A 208 4.87 16.00 -3.84
N VAL A 209 4.20 17.01 -4.35
CA VAL A 209 3.23 17.71 -3.51
C VAL A 209 1.81 17.47 -4.02
N ALA A 210 0.90 17.12 -3.14
CA ALA A 210 -0.45 16.76 -3.58
C ALA A 210 -1.43 16.90 -2.44
N ALA A 211 -1.73 18.16 -2.10
CA ALA A 211 -2.42 18.45 -0.86
C ALA A 211 -3.62 19.33 -1.07
N GLY A 212 -3.65 20.06 -2.18
CA GLY A 212 -4.71 21.07 -2.34
C GLY A 212 -4.58 22.23 -1.36
N CYS A 213 -3.41 22.87 -1.37
CA CYS A 213 -3.15 23.97 -0.47
C CYS A 213 -2.16 24.92 -1.14
N VAL A 214 -2.62 26.14 -1.40
CA VAL A 214 -1.81 27.11 -2.14
C VAL A 214 -0.55 27.48 -1.35
N ASN A 215 0.61 27.47 -2.03
CA ASN A 215 1.88 27.83 -1.39
C ASN A 215 2.26 26.95 -0.20
N LEU A 216 1.91 25.67 -0.23
CA LEU A 216 2.29 24.77 0.86
C LEU A 216 3.81 24.57 0.86
N LEU A 217 4.40 24.59 -0.32
CA LEU A 217 5.84 24.35 -0.43
C LEU A 217 6.53 25.64 -0.81
N ARG A 218 7.23 26.25 0.14
CA ARG A 218 7.96 27.51 -0.09
C ARG A 218 9.47 27.26 -0.25
N SER A 219 10.19 28.27 -0.76
CA SER A 219 11.61 28.15 -1.07
C SER A 219 12.51 27.79 0.10
N ASP A 220 12.11 28.17 1.31
CA ASP A 220 12.92 27.88 2.49
C ASP A 220 12.68 26.50 3.07
N MSE A 221 11.84 25.70 2.40
CA MSE A 221 11.57 24.35 2.89
C MSE A 221 12.41 23.35 2.11
O MSE A 221 12.48 22.16 2.47
CB MSE A 221 10.08 24.03 2.77
CG MSE A 221 9.24 24.84 3.73
SE MSE A 221 7.36 24.92 3.28
CE MSE A 221 6.79 23.20 4.06
N VAL A 222 13.04 23.82 1.03
CA VAL A 222 13.72 22.94 0.12
C VAL A 222 15.22 23.24 -0.01
N LYS A 223 15.96 22.22 -0.42
CA LYS A 223 17.38 22.36 -0.63
C LYS A 223 17.67 22.62 -2.10
N GLU A 224 18.82 23.22 -2.36
CA GLU A 224 19.32 23.43 -3.70
C GLU A 224 19.32 22.14 -4.53
N GLY A 225 18.85 22.23 -5.77
CA GLY A 225 18.87 21.09 -6.68
C GLY A 225 17.71 20.11 -6.51
N VAL A 226 16.77 20.44 -5.64
CA VAL A 226 15.62 19.58 -5.39
C VAL A 226 14.80 19.40 -6.66
N ILE A 227 14.08 18.27 -6.74
CA ILE A 227 13.13 17.98 -7.80
C ILE A 227 11.74 18.07 -7.20
N VAL A 228 10.91 18.91 -7.79
CA VAL A 228 9.65 19.24 -7.17
C VAL A 228 8.55 18.89 -8.17
N VAL A 229 7.65 18.01 -7.77
CA VAL A 229 6.51 17.67 -8.60
C VAL A 229 5.26 18.20 -7.94
N ASP A 230 4.53 19.01 -8.68
CA ASP A 230 3.39 19.72 -8.15
C ASP A 230 2.12 19.10 -8.72
N VAL A 231 1.36 18.36 -7.89
CA VAL A 231 0.14 17.68 -8.36
C VAL A 231 -1.08 18.54 -8.07
N GLY A 232 -0.93 19.48 -7.14
CA GLY A 232 -2.05 20.29 -6.70
C GLY A 232 -2.73 21.06 -7.85
N ILE A 233 -4.01 21.35 -7.65
CA ILE A 233 -4.73 22.23 -8.57
C ILE A 233 -5.63 23.13 -7.75
N ASN A 234 -5.30 24.42 -7.70
CA ASN A 234 -6.12 25.37 -6.96
C ASN A 234 -6.49 26.59 -7.81
N ARG A 235 -7.73 27.03 -7.70
CA ARG A 235 -8.17 28.26 -8.38
C ARG A 235 -8.17 29.44 -7.41
N LEU A 236 -7.33 30.43 -7.68
CA LEU A 236 -7.34 31.68 -6.91
C LEU A 236 -8.58 32.46 -7.31
N GLU A 237 -8.88 33.55 -6.60
CA GLU A 237 -10.05 34.35 -6.96
C GLU A 237 -9.91 34.90 -8.37
N SER A 238 -8.69 35.20 -8.78
CA SER A 238 -8.46 35.80 -10.09
C SER A 238 -8.74 34.83 -11.26
N GLY A 239 -9.15 33.60 -10.94
CA GLY A 239 -9.46 32.60 -11.95
C GLY A 239 -8.24 31.82 -12.42
N LYS A 240 -7.07 32.33 -12.06
CA LYS A 240 -5.82 31.66 -12.39
C LYS A 240 -5.73 30.34 -11.61
N ILE A 241 -5.14 29.33 -12.23
CA ILE A 241 -4.93 28.06 -11.56
C ILE A 241 -3.47 27.88 -11.22
N VAL A 242 -3.20 27.64 -9.94
CA VAL A 242 -1.85 27.35 -9.50
C VAL A 242 -1.85 26.01 -8.78
N GLY A 243 -0.67 25.43 -8.59
CA GLY A 243 -0.52 24.20 -7.83
C GLY A 243 -0.49 24.44 -6.34
N ASP A 244 0.27 23.60 -5.64
CA ASP A 244 0.50 23.76 -4.20
C ASP A 244 1.88 24.34 -3.94
N VAL A 245 2.73 24.38 -4.96
CA VAL A 245 4.09 24.92 -4.79
C VAL A 245 4.15 26.42 -5.05
N ASP A 246 4.94 27.15 -4.27
CA ASP A 246 5.25 28.56 -4.59
C ASP A 246 6.22 28.54 -5.76
N PHE A 247 5.70 28.39 -6.97
CA PHE A 247 6.54 28.12 -8.14
C PHE A 247 7.65 29.15 -8.36
N GLU A 248 7.34 30.44 -8.19
CA GLU A 248 8.29 31.46 -8.56
C GLU A 248 9.59 31.32 -7.76
N GLU A 249 9.48 31.31 -6.44
CA GLU A 249 10.64 31.13 -5.57
C GLU A 249 11.19 29.72 -5.60
N VAL A 250 10.30 28.70 -5.55
CA VAL A 250 10.78 27.32 -5.50
C VAL A 250 11.49 26.92 -6.77
N SER A 251 11.04 27.40 -7.92
CA SER A 251 11.71 26.99 -9.15
C SER A 251 13.14 27.53 -9.22
N LYS A 252 13.44 28.56 -8.42
CA LYS A 252 14.79 29.13 -8.40
C LYS A 252 15.81 28.20 -7.75
N LYS A 253 15.35 27.29 -6.89
CA LYS A 253 16.26 26.32 -6.26
C LYS A 253 16.15 24.90 -6.88
N SER A 254 15.27 24.73 -7.87
CA SER A 254 15.00 23.40 -8.41
C SER A 254 15.87 23.03 -9.60
N SER A 255 16.40 21.80 -9.57
CA SER A 255 17.05 21.21 -10.73
C SER A 255 15.95 20.80 -11.74
N TYR A 256 14.80 20.36 -11.24
CA TYR A 256 13.66 19.97 -12.10
C TYR A 256 12.38 20.30 -11.39
N ILE A 257 11.44 20.92 -12.09
CA ILE A 257 10.14 21.21 -11.50
C ILE A 257 9.04 21.14 -12.55
N THR A 258 7.85 20.67 -12.14
CA THR A 258 6.66 20.70 -12.98
C THR A 258 6.00 22.06 -12.91
N PRO A 259 5.74 22.68 -14.07
CA PRO A 259 4.84 23.84 -14.07
C PRO A 259 3.40 23.43 -13.78
N VAL A 260 2.61 24.42 -13.38
CA VAL A 260 1.18 24.26 -13.29
C VAL A 260 0.54 25.50 -13.91
N PRO A 261 -0.34 25.31 -14.92
CA PRO A 261 -0.80 24.04 -15.51
C PRO A 261 0.27 23.46 -16.42
N GLY A 262 0.03 22.27 -17.01
CA GLY A 262 0.94 21.71 -18.00
C GLY A 262 2.02 20.75 -17.53
N GLY A 263 1.90 20.23 -16.31
CA GLY A 263 2.87 19.26 -15.83
C GLY A 263 2.20 17.93 -15.56
N VAL A 264 1.70 17.74 -14.35
CA VAL A 264 1.09 16.48 -13.97
C VAL A 264 -0.23 16.25 -14.72
N GLY A 265 -1.04 17.31 -14.82
CA GLY A 265 -2.34 17.26 -15.47
C GLY A 265 -2.44 16.47 -16.77
N PRO A 266 -1.74 16.91 -17.82
CA PRO A 266 -1.82 16.19 -19.09
C PRO A 266 -1.28 14.77 -18.97
N MSE A 267 -0.45 14.51 -17.96
CA MSE A 267 0.07 13.16 -17.76
C MSE A 267 -0.93 12.18 -17.14
O MSE A 267 -0.93 11.01 -17.48
CB MSE A 267 1.34 13.18 -16.93
CG MSE A 267 2.47 13.82 -17.68
SE MSE A 267 2.93 12.86 -19.29
CE MSE A 267 3.28 11.10 -18.52
N THR A 268 -1.70 12.65 -16.17
CA THR A 268 -2.81 11.91 -15.63
C THR A 268 -3.73 11.48 -16.77
N ILE A 269 -4.06 12.42 -17.66
CA ILE A 269 -4.91 12.10 -18.79
C ILE A 269 -4.23 11.10 -19.73
N ALA A 270 -2.96 11.33 -20.05
CA ALA A 270 -2.29 10.37 -20.93
C ALA A 270 -2.27 8.94 -20.36
N MSE A 271 -2.28 8.82 -19.04
CA MSE A 271 -2.15 7.51 -18.39
C MSE A 271 -3.49 6.75 -18.40
O MSE A 271 -3.52 5.53 -18.46
CB MSE A 271 -1.65 7.66 -16.96
CG MSE A 271 -0.17 8.07 -16.88
SE MSE A 271 0.97 6.83 -17.84
CE MSE A 271 1.29 7.80 -19.51
N LEU A 272 -4.59 7.49 -18.31
CA LEU A 272 -5.90 6.89 -18.37
C LEU A 272 -6.03 6.27 -19.75
N LEU A 273 -5.52 6.97 -20.75
CA LEU A 273 -5.56 6.53 -22.13
C LEU A 273 -4.67 5.32 -22.33
N GLU A 274 -3.48 5.38 -21.75
CA GLU A 274 -2.57 4.26 -21.88
C GLU A 274 -3.16 3.00 -21.25
N ASN A 275 -3.78 3.15 -20.08
CA ASN A 275 -4.36 2.04 -19.36
C ASN A 275 -5.54 1.45 -20.14
N THR A 276 -6.26 2.30 -20.86
CA THR A 276 -7.43 1.87 -21.63
C THR A 276 -7.04 0.98 -22.81
N VAL A 277 -6.10 1.47 -23.59
CA VAL A 277 -5.40 0.74 -24.64
C VAL A 277 -4.67 -0.51 -24.10
N LYS A 278 -4.26 -0.48 -22.84
CA LYS A 278 -3.63 -1.66 -22.24
C LYS A 278 -4.65 -2.77 -22.10
N SER A 279 -5.83 -2.40 -21.62
CA SER A 279 -6.93 -3.33 -21.50
C SER A 279 -7.34 -3.84 -22.89
N ALA A 280 -7.55 -2.95 -23.85
CA ALA A 280 -7.91 -3.40 -25.21
C ALA A 280 -6.92 -4.39 -25.73
N LYS A 281 -5.67 -3.98 -25.70
CA LYS A 281 -4.55 -4.76 -26.21
C LYS A 281 -4.52 -6.15 -25.59
N ASN A 282 -4.95 -6.26 -24.33
CA ASN A 282 -4.96 -7.55 -23.64
C ASN A 282 -5.88 -8.57 -24.29
N ARG A 283 -6.79 -8.09 -25.15
CA ARG A 283 -7.77 -9.00 -25.76
C ARG A 283 -7.11 -9.91 -26.80
N LEU A 284 -5.84 -9.65 -27.11
CA LEU A 284 -5.08 -10.55 -27.97
C LEU A 284 -4.25 -11.56 -27.15
N ALA B 3 11.33 7.60 32.64
CA ALA B 3 12.13 6.42 32.96
C ALA B 3 12.16 5.49 31.75
N MSE B 4 11.72 4.25 31.95
CA MSE B 4 11.69 3.26 30.87
C MSE B 4 10.65 2.15 31.13
O MSE B 4 10.51 1.66 32.26
CB MSE B 4 13.08 2.66 30.65
CG MSE B 4 13.27 2.02 29.29
SE MSE B 4 12.50 0.22 29.14
CE MSE B 4 14.15 -0.79 29.34
N THR B 5 9.95 1.75 30.07
CA THR B 5 8.85 0.78 30.18
C THR B 5 8.85 -0.28 29.08
N LEU B 6 8.84 -1.54 29.48
CA LEU B 6 8.87 -2.63 28.50
C LEU B 6 7.54 -2.90 27.80
N LEU B 7 7.56 -2.87 26.48
CA LEU B 7 6.44 -3.30 25.66
C LEU B 7 6.41 -4.84 25.65
N ASP B 8 5.65 -5.42 26.59
CA ASP B 8 5.69 -6.85 26.90
C ASP B 8 4.58 -7.60 26.18
N GLY B 9 4.87 -8.02 24.95
CA GLY B 9 3.90 -8.74 24.16
C GLY B 9 3.57 -10.09 24.77
N LYS B 10 4.50 -10.64 25.55
CA LYS B 10 4.30 -11.95 26.15
C LYS B 10 3.06 -11.92 27.02
N ALA B 11 3.08 -11.06 28.03
CA ALA B 11 1.93 -10.86 28.90
C ALA B 11 0.66 -10.57 28.09
N LEU B 12 0.78 -9.66 27.14
CA LEU B 12 -0.39 -9.21 26.39
C LEU B 12 -1.02 -10.34 25.60
N SER B 13 -0.20 -11.10 24.89
CA SER B 13 -0.71 -12.23 24.09
C SER B 13 -1.44 -13.26 24.96
N ALA B 14 -0.89 -13.54 26.14
CA ALA B 14 -1.53 -14.49 27.06
C ALA B 14 -2.97 -14.08 27.35
N LYS B 15 -3.20 -12.79 27.58
CA LYS B 15 -4.56 -12.30 27.83
C LYS B 15 -5.46 -12.60 26.63
N ILE B 16 -4.94 -12.41 25.42
CA ILE B 16 -5.71 -12.70 24.20
C ILE B 16 -6.06 -14.20 24.06
N LYS B 17 -5.09 -15.07 24.25
CA LYS B 17 -5.35 -16.51 24.15
C LYS B 17 -6.47 -16.93 25.08
N GLU B 18 -6.47 -16.39 26.30
CA GLU B 18 -7.57 -16.63 27.22
C GLU B 18 -8.92 -16.31 26.58
N GLU B 19 -9.01 -15.16 25.90
CA GLU B 19 -10.27 -14.75 25.28
C GLU B 19 -10.71 -15.70 24.18
N LEU B 20 -9.74 -16.14 23.38
CA LEU B 20 -9.99 -17.06 22.28
C LEU B 20 -10.34 -18.46 22.79
N LYS B 21 -9.79 -18.85 23.94
CA LYS B 21 -10.19 -20.09 24.58
C LYS B 21 -11.70 -20.03 24.66
N GLU B 22 -12.19 -18.97 25.27
CA GLU B 22 -13.61 -18.82 25.54
C GLU B 22 -14.45 -18.81 24.25
N LYS B 23 -14.02 -18.03 23.26
CA LYS B 23 -14.75 -17.91 22.00
C LYS B 23 -14.95 -19.29 21.35
N ASN B 24 -13.88 -20.06 21.25
CA ASN B 24 -13.98 -21.34 20.56
C ASN B 24 -14.95 -22.32 21.21
N GLN B 25 -14.95 -22.37 22.54
CA GLN B 25 -15.91 -23.18 23.28
C GLN B 25 -17.33 -22.93 22.76
N PHE B 26 -17.62 -21.66 22.47
CA PHE B 26 -18.96 -21.25 22.05
C PHE B 26 -19.22 -21.67 20.60
N LEU B 27 -18.29 -21.32 19.71
CA LEU B 27 -18.33 -21.82 18.32
C LEU B 27 -18.43 -23.34 18.28
N LYS B 28 -17.57 -23.97 19.07
CA LYS B 28 -17.42 -25.42 19.11
C LYS B 28 -18.74 -26.11 19.51
N SER B 29 -19.49 -25.43 20.37
CA SER B 29 -20.81 -25.90 20.78
C SER B 29 -21.81 -25.73 19.64
N LYS B 30 -21.72 -24.62 18.93
CA LYS B 30 -22.64 -24.34 17.83
C LYS B 30 -22.19 -24.96 16.50
N GLY B 31 -21.41 -26.05 16.59
CA GLY B 31 -21.00 -26.81 15.42
C GLY B 31 -19.68 -26.40 14.77
N ILE B 32 -19.31 -25.13 14.95
CA ILE B 32 -18.08 -24.58 14.38
C ILE B 32 -16.84 -24.87 15.22
N GLU B 33 -15.99 -25.78 14.78
CA GLU B 33 -14.72 -26.01 15.44
C GLU B 33 -13.57 -25.24 14.76
N SER B 34 -13.21 -24.06 15.31
CA SER B 34 -12.15 -23.22 14.73
C SER B 34 -10.95 -24.05 14.27
N CYS B 35 -10.55 -23.87 13.02
CA CYS B 35 -9.51 -24.72 12.45
C CYS B 35 -8.56 -23.97 11.54
N LEU B 36 -7.28 -24.03 11.87
CA LEU B 36 -6.26 -23.40 11.03
C LEU B 36 -5.52 -24.46 10.25
N ALA B 37 -5.43 -24.30 8.93
CA ALA B 37 -4.57 -25.18 8.16
C ALA B 37 -3.26 -24.45 7.92
N VAL B 38 -2.17 -25.03 8.40
CA VAL B 38 -0.84 -24.52 8.11
C VAL B 38 -0.12 -25.42 7.11
N ILE B 39 0.56 -24.82 6.15
CA ILE B 39 1.23 -25.57 5.09
C ILE B 39 2.71 -25.28 5.15
N LEU B 40 3.50 -26.28 5.52
CA LEU B 40 4.94 -26.12 5.59
C LEU B 40 5.64 -26.85 4.46
N VAL B 41 6.45 -26.11 3.72
CA VAL B 41 7.18 -26.64 2.58
C VAL B 41 8.67 -26.77 2.92
N GLY B 42 9.16 -28.01 2.87
CA GLY B 42 10.56 -28.29 3.13
C GLY B 42 10.90 -28.25 4.62
N ASP B 43 12.01 -28.89 4.98
CA ASP B 43 12.37 -29.05 6.39
C ASP B 43 13.43 -28.07 6.90
N ASN B 44 13.18 -26.78 6.67
CA ASN B 44 13.98 -25.73 7.29
C ASN B 44 13.57 -25.61 8.75
N PRO B 45 14.47 -25.99 9.69
CA PRO B 45 14.18 -26.05 11.13
C PRO B 45 13.79 -24.70 11.77
N ALA B 46 14.16 -23.58 11.16
CA ALA B 46 13.66 -22.28 11.61
C ALA B 46 12.18 -22.16 11.27
N SER B 47 11.84 -22.38 10.00
CA SER B 47 10.44 -22.40 9.60
C SER B 47 9.70 -23.46 10.41
N GLN B 48 10.38 -24.58 10.66
CA GLN B 48 9.81 -25.63 11.48
C GLN B 48 9.59 -25.10 12.90
N THR B 49 10.46 -24.21 13.34
CA THR B 49 10.29 -23.57 14.64
C THR B 49 8.97 -22.81 14.68
N TYR B 50 8.86 -21.80 13.82
CA TYR B 50 7.65 -20.97 13.75
C TYR B 50 6.38 -21.82 13.70
N VAL B 51 6.48 -22.97 13.06
CA VAL B 51 5.32 -23.80 12.80
C VAL B 51 4.90 -24.59 14.04
N LYS B 52 5.86 -25.25 14.68
CA LYS B 52 5.64 -25.91 15.96
C LYS B 52 4.92 -24.98 16.91
N SER B 53 5.46 -23.76 17.04
CA SER B 53 4.90 -22.78 17.94
C SER B 53 3.48 -22.45 17.52
N LYS B 54 3.29 -22.37 16.21
CA LYS B 54 1.98 -22.02 15.68
C LYS B 54 0.96 -23.07 16.13
N ALA B 55 1.26 -24.34 15.89
CA ALA B 55 0.40 -25.43 16.34
C ALA B 55 0.22 -25.46 17.86
N LYS B 56 1.31 -25.26 18.60
CA LYS B 56 1.24 -25.31 20.07
C LYS B 56 0.28 -24.22 20.58
N ALA B 57 0.39 -23.03 20.01
CA ALA B 57 -0.52 -21.93 20.33
C ALA B 57 -1.99 -22.27 20.06
N CYS B 58 -2.25 -22.91 18.92
CA CYS B 58 -3.61 -23.31 18.54
C CYS B 58 -4.22 -24.22 19.60
N GLU B 59 -3.54 -25.31 19.95
CA GLU B 59 -4.08 -26.20 20.97
C GLU B 59 -4.33 -25.46 22.27
N GLU B 60 -3.40 -24.59 22.65
CA GLU B 60 -3.49 -23.87 23.92
C GLU B 60 -4.88 -23.25 24.09
N CYS B 61 -5.49 -22.84 22.97
CA CYS B 61 -6.71 -22.04 23.04
C CYS B 61 -7.89 -22.62 22.23
N GLY B 62 -7.93 -23.93 22.09
CA GLY B 62 -9.06 -24.60 21.47
C GLY B 62 -9.23 -24.43 19.97
N ILE B 63 -8.13 -24.25 19.26
CA ILE B 63 -8.16 -24.15 17.80
C ILE B 63 -7.56 -25.37 17.17
N LYS B 64 -8.35 -26.04 16.34
CA LYS B 64 -7.89 -27.25 15.67
C LYS B 64 -6.82 -26.88 14.63
N SER B 65 -5.62 -27.42 14.82
CA SER B 65 -4.57 -27.29 13.83
C SER B 65 -4.54 -28.45 12.83
N LEU B 66 -4.35 -28.09 11.57
CA LEU B 66 -4.05 -29.06 10.51
C LEU B 66 -2.70 -28.69 9.93
N VAL B 67 -1.68 -29.51 10.16
CA VAL B 67 -0.35 -29.14 9.68
C VAL B 67 0.14 -30.04 8.56
N TYR B 68 0.19 -29.45 7.36
CA TYR B 68 0.66 -30.17 6.18
C TYR B 68 2.15 -29.95 5.99
N HIS B 69 2.97 -30.85 6.52
CA HIS B 69 4.40 -30.77 6.28
C HIS B 69 4.69 -31.57 5.03
N LEU B 70 4.83 -30.87 3.90
CA LEU B 70 5.09 -31.52 2.63
C LEU B 70 6.51 -31.25 2.12
N ASN B 71 6.88 -31.98 1.07
CA ASN B 71 8.25 -31.99 0.55
C ASN B 71 8.71 -30.64 0.04
N GLU B 72 10.01 -30.37 0.21
CA GLU B 72 10.63 -29.17 -0.30
C GLU B 72 10.44 -29.07 -1.81
N ASN B 73 10.40 -30.22 -2.47
CA ASN B 73 10.40 -30.22 -3.93
C ASN B 73 9.03 -30.28 -4.61
N ILE B 74 7.97 -30.45 -3.83
CA ILE B 74 6.62 -30.56 -4.41
C ILE B 74 6.34 -29.45 -5.41
N THR B 75 5.48 -29.74 -6.38
CA THR B 75 5.24 -28.87 -7.53
C THR B 75 4.24 -27.76 -7.23
N GLN B 76 4.23 -26.74 -8.07
CA GLN B 76 3.28 -25.64 -7.93
C GLN B 76 1.83 -26.15 -7.96
N ASN B 77 1.51 -27.03 -8.92
CA ASN B 77 0.16 -27.58 -9.06
C ASN B 77 -0.30 -28.39 -7.85
N GLU B 78 0.60 -29.16 -7.27
CA GLU B 78 0.29 -29.92 -6.06
C GLU B 78 0.01 -28.95 -4.92
N LEU B 79 0.88 -27.95 -4.80
CA LEU B 79 0.69 -26.93 -3.76
C LEU B 79 -0.66 -26.27 -3.99
N LEU B 80 -0.89 -25.86 -5.23
CA LEU B 80 -2.17 -25.29 -5.61
C LEU B 80 -3.39 -26.19 -5.34
N ALA B 81 -3.28 -27.50 -5.59
CA ALA B 81 -4.45 -28.36 -5.47
C ALA B 81 -4.84 -28.52 -4.01
N LEU B 82 -3.83 -28.60 -3.15
CA LEU B 82 -4.08 -28.61 -1.71
C LEU B 82 -4.84 -27.34 -1.28
N ILE B 83 -4.38 -26.19 -1.72
CA ILE B 83 -5.08 -24.95 -1.36
C ILE B 83 -6.52 -24.99 -1.86
N ASN B 84 -6.71 -25.33 -3.13
CA ASN B 84 -8.07 -25.52 -3.66
C ASN B 84 -8.93 -26.39 -2.73
N THR B 85 -8.43 -27.57 -2.38
CA THR B 85 -9.20 -28.41 -1.46
C THR B 85 -9.52 -27.66 -0.15
N LEU B 86 -8.48 -27.12 0.51
CA LEU B 86 -8.67 -26.36 1.75
C LEU B 86 -9.63 -25.20 1.56
N ASN B 87 -9.53 -24.54 0.41
CA ASN B 87 -10.43 -23.46 0.07
C ASN B 87 -11.89 -23.86 0.18
N HIS B 88 -12.20 -25.07 -0.27
CA HIS B 88 -13.59 -25.50 -0.33
C HIS B 88 -14.01 -26.35 0.85
N ASP B 89 -13.06 -26.59 1.75
CA ASP B 89 -13.26 -27.40 2.94
C ASP B 89 -13.90 -26.54 4.04
N ASP B 90 -15.23 -26.61 4.13
CA ASP B 90 -15.99 -25.85 5.13
C ASP B 90 -15.51 -26.04 6.58
N SER B 91 -14.76 -27.11 6.88
CA SER B 91 -14.23 -27.30 8.24
C SER B 91 -12.93 -26.51 8.48
N VAL B 92 -12.39 -25.90 7.44
CA VAL B 92 -11.16 -25.12 7.57
C VAL B 92 -11.43 -23.63 7.52
N HIS B 93 -10.98 -22.90 8.54
CA HIS B 93 -11.33 -21.47 8.66
C HIS B 93 -10.19 -20.51 8.29
N GLY B 94 -8.96 -20.97 8.43
CA GLY B 94 -7.82 -20.22 7.99
C GLY B 94 -6.81 -21.11 7.29
N ILE B 95 -6.13 -20.54 6.31
CA ILE B 95 -5.11 -21.26 5.54
C ILE B 95 -3.89 -20.35 5.48
N LEU B 96 -2.74 -20.90 5.85
CA LEU B 96 -1.52 -20.13 5.95
C LEU B 96 -0.41 -20.90 5.29
N VAL B 97 0.34 -20.23 4.42
CA VAL B 97 1.54 -20.84 3.91
C VAL B 97 2.73 -20.30 4.72
N GLN B 98 3.55 -21.19 5.26
CA GLN B 98 4.74 -20.73 5.97
C GLN B 98 5.72 -20.16 4.97
N LEU B 99 6.15 -18.93 5.20
CA LEU B 99 7.16 -18.28 4.36
C LEU B 99 8.57 -18.47 4.94
N PRO B 100 9.58 -18.57 4.07
CA PRO B 100 9.47 -18.47 2.60
C PRO B 100 9.27 -19.81 1.92
N LEU B 101 8.96 -19.76 0.62
CA LEU B 101 8.79 -20.96 -0.19
C LEU B 101 10.01 -21.23 -1.06
N PRO B 102 10.15 -22.47 -1.53
CA PRO B 102 11.19 -22.83 -2.51
C PRO B 102 11.16 -21.86 -3.68
N ASP B 103 12.31 -21.64 -4.30
CA ASP B 103 12.45 -20.63 -5.34
C ASP B 103 11.70 -21.00 -6.62
N HIS B 104 11.55 -22.31 -6.86
CA HIS B 104 10.93 -22.76 -8.10
C HIS B 104 9.42 -22.53 -8.10
N ILE B 105 8.93 -21.95 -7.02
CA ILE B 105 7.51 -21.70 -6.88
C ILE B 105 7.23 -20.20 -6.81
N CYS B 106 6.22 -19.76 -7.56
CA CYS B 106 5.85 -18.34 -7.59
C CYS B 106 5.05 -17.94 -6.35
N LYS B 107 5.74 -17.32 -5.40
CA LYS B 107 5.16 -16.92 -4.13
C LYS B 107 3.82 -16.21 -4.28
N ASP B 108 3.71 -15.33 -5.26
CA ASP B 108 2.53 -14.48 -5.33
C ASP B 108 1.32 -15.26 -5.80
N LEU B 109 1.50 -16.08 -6.82
CA LEU B 109 0.39 -16.90 -7.31
C LEU B 109 -0.18 -17.70 -6.13
N ILE B 110 0.71 -18.28 -5.33
CA ILE B 110 0.32 -19.12 -4.21
C ILE B 110 -0.50 -18.37 -3.17
N LEU B 111 0.00 -17.22 -2.74
CA LEU B 111 -0.71 -16.48 -1.71
C LEU B 111 -2.00 -15.92 -2.28
N GLU B 112 -1.97 -15.53 -3.55
CA GLU B 112 -3.19 -15.07 -4.21
C GLU B 112 -4.21 -16.22 -4.37
N SER B 113 -3.76 -17.46 -4.43
CA SER B 113 -4.72 -18.55 -4.67
C SER B 113 -5.47 -18.99 -3.41
N ILE B 114 -5.11 -18.48 -2.24
CA ILE B 114 -5.87 -18.76 -1.03
C ILE B 114 -7.17 -17.95 -1.01
N ILE B 115 -8.32 -18.59 -0.80
CA ILE B 115 -9.57 -17.83 -0.81
C ILE B 115 -9.48 -16.68 0.20
N SER B 116 -9.81 -15.46 -0.23
CA SER B 116 -9.42 -14.27 0.56
C SER B 116 -10.06 -14.30 1.94
N SER B 117 -11.24 -14.93 2.04
CA SER B 117 -11.92 -15.10 3.33
C SER B 117 -11.32 -16.19 4.26
N LYS B 118 -10.21 -16.78 3.86
CA LYS B 118 -9.51 -17.70 4.79
C LYS B 118 -8.05 -17.26 4.93
N ASP B 119 -7.76 -16.08 4.37
CA ASP B 119 -6.41 -15.52 4.26
C ASP B 119 -5.94 -14.90 5.59
N VAL B 120 -5.66 -15.73 6.59
CA VAL B 120 -5.40 -15.23 7.94
C VAL B 120 -4.06 -14.48 8.09
N ASP B 121 -3.15 -14.69 7.14
CA ASP B 121 -1.90 -13.93 7.06
C ASP B 121 -2.07 -12.55 6.39
N GLY B 122 -3.18 -12.37 5.66
CA GLY B 122 -3.48 -11.09 5.07
C GLY B 122 -2.59 -10.78 3.90
N PHE B 123 -2.10 -11.81 3.22
CA PHE B 123 -1.17 -11.58 2.11
C PHE B 123 -1.85 -11.61 0.73
N HIS B 124 -3.13 -11.96 0.70
CA HIS B 124 -3.86 -11.95 -0.57
C HIS B 124 -4.05 -10.50 -1.05
N PRO B 125 -3.77 -10.26 -2.34
CA PRO B 125 -3.78 -8.91 -2.92
C PRO B 125 -5.00 -8.12 -2.52
N ILE B 126 -6.17 -8.75 -2.49
CA ILE B 126 -7.33 -7.94 -2.19
C ILE B 126 -7.34 -7.50 -0.74
N ASN B 127 -6.81 -8.32 0.16
CA ASN B 127 -6.70 -7.92 1.56
C ASN B 127 -5.62 -6.86 1.80
N VAL B 128 -4.53 -6.95 1.06
CA VAL B 128 -3.50 -5.92 1.08
C VAL B 128 -4.18 -4.60 0.60
N GLY B 129 -4.94 -4.70 -0.48
CA GLY B 129 -5.64 -3.56 -1.04
C GLY B 129 -6.55 -2.91 -0.02
N TYR B 130 -7.36 -3.71 0.67
CA TYR B 130 -8.29 -3.17 1.65
C TYR B 130 -7.55 -2.31 2.68
N LEU B 131 -6.42 -2.82 3.13
CA LEU B 131 -5.66 -2.19 4.19
C LEU B 131 -5.08 -0.88 3.68
N ASN B 132 -4.52 -0.92 2.48
CA ASN B 132 -3.90 0.26 1.91
C ASN B 132 -4.95 1.32 1.61
N LEU B 133 -6.22 0.92 1.66
CA LEU B 133 -7.31 1.85 1.42
C LEU B 133 -7.84 2.40 2.74
N GLY B 134 -7.31 1.90 3.85
CA GLY B 134 -7.76 2.36 5.16
C GLY B 134 -8.92 1.56 5.71
N LEU B 135 -9.24 0.43 5.05
CA LEU B 135 -10.38 -0.38 5.45
C LEU B 135 -10.01 -1.47 6.45
N GLU B 136 -11.01 -1.88 7.24
CA GLU B 136 -10.89 -3.06 8.11
C GLU B 136 -11.88 -4.14 7.63
N SER B 137 -12.06 -4.18 6.31
CA SER B 137 -13.01 -5.06 5.62
C SER B 137 -12.37 -6.43 5.32
N GLY B 138 -11.18 -6.67 5.86
CA GLY B 138 -10.47 -7.90 5.58
C GLY B 138 -9.57 -8.38 6.70
N PHE B 139 -8.58 -9.18 6.33
CA PHE B 139 -7.62 -9.73 7.27
C PHE B 139 -6.35 -8.89 7.17
N LEU B 140 -5.80 -8.54 8.34
CA LEU B 140 -4.60 -7.73 8.41
C LEU B 140 -3.40 -8.63 8.74
N PRO B 141 -2.21 -8.34 8.18
CA PRO B 141 -1.02 -9.16 8.44
C PRO B 141 -0.70 -9.20 9.93
N CYS B 142 -0.30 -10.36 10.44
CA CYS B 142 -0.25 -10.60 11.89
C CYS B 142 0.79 -9.79 12.63
N THR B 143 1.98 -9.66 12.05
CA THR B 143 3.03 -8.89 12.71
C THR B 143 2.63 -7.42 12.88
N PRO B 144 2.40 -6.71 11.75
CA PRO B 144 2.03 -5.30 11.94
C PRO B 144 0.81 -5.20 12.83
N LEU B 145 -0.14 -6.11 12.68
CA LEU B 145 -1.31 -6.00 13.53
C LEU B 145 -0.95 -6.13 15.02
N GLY B 146 -0.05 -7.06 15.34
CA GLY B 146 0.35 -7.32 16.71
C GLY B 146 1.04 -6.10 17.31
N VAL B 147 1.85 -5.44 16.49
CA VAL B 147 2.51 -4.21 16.88
C VAL B 147 1.48 -3.13 17.26
N MSE B 148 0.46 -2.95 16.44
CA MSE B 148 -0.56 -1.95 16.74
C MSE B 148 -1.34 -2.28 18.02
O MSE B 148 -1.59 -1.39 18.82
CB MSE B 148 -1.52 -1.76 15.56
CG MSE B 148 -0.83 -1.49 14.22
SE MSE B 148 0.11 0.19 14.20
CE MSE B 148 -1.41 1.36 14.54
N LYS B 149 -1.73 -3.53 18.18
CA LYS B 149 -2.53 -3.94 19.32
C LYS B 149 -1.74 -3.70 20.59
N LEU B 150 -0.45 -4.00 20.50
CA LEU B 150 0.49 -3.80 21.59
C LEU B 150 0.55 -2.32 21.97
N LEU B 151 0.94 -1.48 21.02
CA LEU B 151 0.97 -0.04 21.23
C LEU B 151 -0.36 0.47 21.78
N LYS B 152 -1.48 0.01 21.23
CA LYS B 152 -2.78 0.44 21.73
C LYS B 152 -3.04 -0.02 23.18
N ALA B 153 -2.43 -1.13 23.58
CA ALA B 153 -2.54 -1.61 24.96
C ALA B 153 -1.89 -0.65 25.96
N TYR B 154 -0.85 0.05 25.53
CA TYR B 154 -0.14 1.02 26.38
C TYR B 154 -0.60 2.44 26.09
N GLU B 155 -1.76 2.57 25.47
CA GLU B 155 -2.34 3.88 25.17
C GLU B 155 -1.30 4.84 24.61
N ILE B 156 -0.44 4.32 23.74
CA ILE B 156 0.52 5.16 23.04
C ILE B 156 -0.17 5.84 21.88
N ASP B 157 -0.43 7.14 22.01
CA ASP B 157 -1.10 7.86 20.92
C ASP B 157 -0.18 7.94 19.70
N LEU B 158 -0.75 7.77 18.51
CA LEU B 158 0.04 7.68 17.28
C LEU B 158 -0.21 8.84 16.32
N GLU B 159 -1.37 9.47 16.44
CA GLU B 159 -1.72 10.55 15.56
C GLU B 159 -0.64 11.63 15.62
N GLY B 160 -0.03 11.93 14.47
CA GLY B 160 0.93 13.02 14.38
C GLY B 160 2.36 12.62 14.68
N LYS B 161 2.58 11.39 15.18
CA LYS B 161 3.94 11.01 15.55
C LYS B 161 4.84 10.96 14.32
N ASP B 162 6.14 11.13 14.52
CA ASP B 162 7.10 10.94 13.45
C ASP B 162 7.61 9.52 13.50
N ALA B 163 7.14 8.69 12.58
CA ALA B 163 7.44 7.28 12.63
C ALA B 163 8.37 6.85 11.52
N VAL B 164 9.27 5.93 11.84
CA VAL B 164 10.19 5.40 10.86
C VAL B 164 10.08 3.89 10.88
N ILE B 165 9.82 3.30 9.72
CA ILE B 165 9.81 1.87 9.62
C ILE B 165 11.11 1.52 8.92
N ILE B 166 11.93 0.68 9.54
CA ILE B 166 13.15 0.26 8.88
C ILE B 166 12.89 -1.11 8.26
N GLY B 167 12.86 -1.18 6.95
CA GLY B 167 12.62 -2.43 6.25
C GLY B 167 11.30 -2.35 5.51
N ALA B 168 11.30 -2.76 4.25
CA ALA B 168 10.14 -2.49 3.40
C ALA B 168 9.47 -3.74 2.79
N SER B 169 9.46 -4.84 3.53
CA SER B 169 8.93 -6.11 3.03
C SER B 169 7.39 -6.15 3.03
N ASN B 170 6.83 -7.09 2.28
CA ASN B 170 5.38 -7.27 2.25
C ASN B 170 4.88 -7.94 3.53
N ILE B 171 5.77 -8.63 4.21
CA ILE B 171 5.35 -9.36 5.40
C ILE B 171 5.19 -8.44 6.59
N VAL B 172 6.06 -7.42 6.66
CA VAL B 172 6.11 -6.51 7.79
C VAL B 172 6.13 -5.04 7.40
N GLY B 173 7.23 -4.60 6.80
CA GLY B 173 7.46 -3.17 6.60
C GLY B 173 6.32 -2.40 5.97
N ARG B 174 5.89 -2.85 4.79
CA ARG B 174 4.86 -2.13 4.05
C ARG B 174 3.52 -2.03 4.77
N PRO B 175 2.96 -3.17 5.22
CA PRO B 175 1.70 -3.04 5.99
C PRO B 175 1.93 -2.30 7.33
N MSE B 176 3.10 -2.44 7.90
CA MSE B 176 3.40 -1.68 9.13
C MSE B 176 3.23 -0.19 8.82
O MSE B 176 2.49 0.52 9.50
CB MSE B 176 4.81 -1.93 9.58
CG MSE B 176 5.16 -1.24 10.88
SE MSE B 176 4.37 -2.17 12.41
CE MSE B 176 2.59 -1.39 12.57
N ALA B 177 3.90 0.26 7.78
CA ALA B 177 3.81 1.66 7.38
C ALA B 177 2.35 2.09 7.19
N THR B 178 1.56 1.23 6.53
CA THR B 178 0.18 1.58 6.18
C THR B 178 -0.69 1.66 7.42
N MSE B 179 -0.50 0.72 8.32
CA MSE B 179 -1.24 0.84 9.57
C MSE B 179 -0.90 2.09 10.37
O MSE B 179 -1.81 2.68 10.99
CB MSE B 179 -1.04 -0.39 10.43
CG MSE B 179 -1.45 -1.66 9.69
SE MSE B 179 -1.56 -3.12 10.94
CE MSE B 179 -1.85 -4.57 9.65
N LEU B 180 0.37 2.51 10.35
CA LEU B 180 0.77 3.71 11.12
C LEU B 180 0.14 4.94 10.50
N LEU B 181 0.09 4.93 9.17
CA LEU B 181 -0.40 6.06 8.38
C LEU B 181 -1.92 6.14 8.51
N ASN B 182 -2.58 4.97 8.56
CA ASN B 182 -4.01 4.91 8.84
C ASN B 182 -4.33 5.45 10.23
N ALA B 183 -3.39 5.23 11.16
CA ALA B 183 -3.46 5.77 12.53
C ALA B 183 -3.10 7.25 12.69
N GLY B 184 -2.86 7.94 11.58
CA GLY B 184 -2.57 9.37 11.58
C GLY B 184 -1.09 9.74 11.76
N ALA B 185 -0.21 8.75 11.75
CA ALA B 185 1.22 9.01 11.91
C ALA B 185 1.83 9.51 10.62
N THR B 186 2.97 10.18 10.73
CA THR B 186 3.77 10.50 9.56
C THR B 186 4.71 9.34 9.45
N VAL B 187 4.88 8.79 8.25
CA VAL B 187 5.72 7.58 8.13
C VAL B 187 6.86 7.77 7.14
N SER B 188 8.03 7.24 7.50
CA SER B 188 9.15 7.17 6.58
C SER B 188 9.53 5.71 6.47
N VAL B 189 9.68 5.22 5.25
CA VAL B 189 10.05 3.82 5.02
C VAL B 189 11.47 3.78 4.50
N CYS B 190 12.35 3.17 5.28
CA CYS B 190 13.74 3.04 4.95
C CYS B 190 14.07 1.60 4.62
N HIS B 191 15.18 1.39 3.92
CA HIS B 191 15.57 0.05 3.52
C HIS B 191 17.06 0.02 3.16
N ILE B 192 17.51 -1.14 2.67
CA ILE B 192 18.93 -1.37 2.38
C ILE B 192 19.55 -0.25 1.55
N LYS B 193 18.73 0.44 0.77
CA LYS B 193 19.22 1.45 -0.16
C LYS B 193 19.18 2.88 0.40
N THR B 194 18.57 3.03 1.57
CA THR B 194 18.56 4.32 2.26
C THR B 194 19.99 4.84 2.53
N LYS B 195 20.31 6.01 1.99
CA LYS B 195 21.65 6.56 2.09
C LYS B 195 22.14 6.60 3.54
N ASP B 196 21.43 7.36 4.37
CA ASP B 196 21.82 7.58 5.75
C ASP B 196 20.64 7.39 6.69
N LEU B 197 20.49 6.17 7.18
CA LEU B 197 19.42 5.77 8.09
C LEU B 197 19.31 6.65 9.35
N SER B 198 20.46 7.00 9.94
CA SER B 198 20.51 7.85 11.14
C SER B 198 19.76 9.17 11.01
N LEU B 199 19.78 9.73 9.81
CA LEU B 199 19.07 10.98 9.54
C LEU B 199 17.56 10.86 9.83
N TYR B 200 17.01 9.68 9.57
CA TYR B 200 15.58 9.48 9.79
C TYR B 200 15.36 9.06 11.24
N THR B 201 16.28 8.24 11.75
CA THR B 201 16.12 7.65 13.06
C THR B 201 16.29 8.66 14.22
N ARG B 202 17.20 9.62 14.08
CA ARG B 202 17.45 10.59 15.14
C ARG B 202 16.25 11.52 15.41
N GLN B 203 15.45 11.78 14.37
CA GLN B 203 14.34 12.71 14.46
C GLN B 203 13.03 11.96 14.72
N ALA B 204 13.12 10.65 14.91
CA ALA B 204 11.91 9.81 15.01
C ALA B 204 11.35 9.70 16.43
N ASP B 205 10.05 9.89 16.58
CA ASP B 205 9.40 9.62 17.87
C ASP B 205 9.28 8.11 18.05
N LEU B 206 8.95 7.40 16.97
CA LEU B 206 8.68 5.96 16.97
C LEU B 206 9.50 5.28 15.88
N ILE B 207 10.22 4.23 16.25
CA ILE B 207 10.95 3.43 15.27
C ILE B 207 10.54 1.96 15.29
N ILE B 208 10.09 1.43 14.15
CA ILE B 208 9.85 -0.01 13.99
C ILE B 208 11.00 -0.64 13.18
N VAL B 209 11.73 -1.55 13.80
CA VAL B 209 12.86 -2.19 13.13
C VAL B 209 12.50 -3.60 12.67
N ALA B 210 12.69 -3.85 11.38
CA ALA B 210 12.26 -5.11 10.76
C ALA B 210 13.16 -5.43 9.57
N ALA B 211 14.46 -5.58 9.82
CA ALA B 211 15.44 -5.65 8.75
C ALA B 211 16.17 -7.00 8.64
N GLY B 212 16.41 -7.64 9.77
CA GLY B 212 17.24 -8.83 9.76
C GLY B 212 18.71 -8.47 9.76
N CYS B 213 19.08 -7.54 10.65
N CYS B 213 19.09 -7.55 10.65
CA CYS B 213 20.48 -7.14 10.81
CA CYS B 213 20.48 -7.15 10.81
C CYS B 213 20.76 -6.85 12.27
C CYS B 213 20.76 -6.85 12.27
N VAL B 214 21.65 -7.65 12.86
CA VAL B 214 21.98 -7.52 14.28
C VAL B 214 22.63 -6.17 14.58
N ASN B 215 22.22 -5.56 15.70
CA ASN B 215 22.67 -4.22 16.09
C ASN B 215 22.53 -3.12 15.02
N LEU B 216 21.52 -3.23 14.16
CA LEU B 216 21.27 -2.19 13.16
C LEU B 216 20.90 -0.84 13.79
N LEU B 217 20.18 -0.87 14.91
CA LEU B 217 19.76 0.36 15.55
C LEU B 217 20.57 0.57 16.86
N ARG B 218 21.29 1.68 16.93
CA ARG B 218 22.21 1.93 18.04
C ARG B 218 21.87 3.20 18.80
N SER B 219 22.40 3.30 20.02
CA SER B 219 22.19 4.44 20.89
C SER B 219 22.29 5.80 20.19
N ASP B 220 23.30 5.94 19.34
CA ASP B 220 23.58 7.23 18.69
C ASP B 220 22.70 7.50 17.45
N MSE B 221 21.67 6.70 17.28
CA MSE B 221 20.79 6.89 16.14
C MSE B 221 19.41 7.28 16.62
O MSE B 221 18.55 7.60 15.81
CB MSE B 221 20.70 5.63 15.30
CG MSE B 221 21.98 5.27 14.59
SE MSE B 221 21.96 3.37 14.13
CE MSE B 221 22.32 3.51 12.20
N VAL B 222 19.19 7.22 17.92
CA VAL B 222 17.86 7.46 18.46
C VAL B 222 17.86 8.61 19.46
N LYS B 223 16.72 9.30 19.57
CA LYS B 223 16.60 10.39 20.54
C LYS B 223 16.13 9.85 21.89
N GLU B 224 16.46 10.61 22.95
CA GLU B 224 15.96 10.35 24.29
C GLU B 224 14.43 10.30 24.24
N GLY B 225 13.85 9.25 24.83
CA GLY B 225 12.42 9.10 24.88
C GLY B 225 11.76 8.53 23.63
N VAL B 226 12.56 7.93 22.77
CA VAL B 226 12.08 7.25 21.57
C VAL B 226 11.26 6.02 21.94
N ILE B 227 10.27 5.69 21.13
CA ILE B 227 9.56 4.41 21.23
C ILE B 227 10.14 3.47 20.19
N VAL B 228 10.60 2.31 20.62
CA VAL B 228 11.28 1.36 19.74
C VAL B 228 10.58 0.01 19.73
N VAL B 229 10.16 -0.46 18.55
CA VAL B 229 9.54 -1.77 18.37
C VAL B 229 10.45 -2.61 17.52
N ASP B 230 10.93 -3.71 18.07
CA ASP B 230 11.95 -4.51 17.42
C ASP B 230 11.27 -5.78 16.93
N VAL B 231 11.12 -5.89 15.61
CA VAL B 231 10.46 -7.05 14.99
C VAL B 231 11.44 -8.17 14.67
N GLY B 232 12.71 -7.79 14.53
CA GLY B 232 13.73 -8.71 14.06
C GLY B 232 13.94 -9.91 14.95
N ILE B 233 14.30 -11.02 14.32
CA ILE B 233 14.65 -12.25 15.03
C ILE B 233 15.89 -12.87 14.40
N ASN B 234 17.00 -12.82 15.14
CA ASN B 234 18.28 -13.32 14.65
C ASN B 234 18.92 -14.33 15.60
N ARG B 235 19.57 -15.34 15.05
CA ARG B 235 20.27 -16.29 15.89
C ARG B 235 21.78 -16.11 15.82
N LEU B 236 22.38 -15.92 16.99
CA LEU B 236 23.82 -15.72 17.08
C LEU B 236 24.53 -17.05 17.14
N GLU B 237 25.84 -17.02 17.36
CA GLU B 237 26.61 -18.23 17.62
C GLU B 237 26.06 -18.90 18.88
N SER B 238 25.92 -18.09 19.93
CA SER B 238 25.33 -18.51 21.21
C SER B 238 24.09 -19.42 21.07
N GLY B 239 23.45 -19.37 19.89
CA GLY B 239 22.14 -19.97 19.73
C GLY B 239 21.13 -18.99 20.28
N LYS B 240 21.68 -17.97 20.94
CA LYS B 240 20.90 -16.90 21.55
C LYS B 240 20.18 -16.08 20.49
N ILE B 241 18.86 -15.96 20.66
CA ILE B 241 18.06 -15.15 19.77
C ILE B 241 17.99 -13.68 20.21
N VAL B 242 18.38 -12.79 19.29
CA VAL B 242 18.37 -11.35 19.53
C VAL B 242 17.59 -10.63 18.39
N GLY B 243 17.34 -9.34 18.55
CA GLY B 243 16.60 -8.55 17.56
C GLY B 243 17.49 -7.82 16.56
N ASP B 244 16.98 -6.72 15.98
CA ASP B 244 17.80 -5.86 15.10
C ASP B 244 18.38 -4.68 15.89
N VAL B 245 17.87 -4.48 17.09
CA VAL B 245 18.24 -3.34 17.94
C VAL B 245 19.30 -3.74 18.97
N ASP B 246 20.26 -2.85 19.23
CA ASP B 246 21.21 -3.07 20.34
C ASP B 246 20.46 -2.70 21.62
N PHE B 247 19.84 -3.70 22.24
CA PHE B 247 18.88 -3.51 23.31
C PHE B 247 19.51 -2.87 24.54
N GLU B 248 20.72 -3.32 24.87
CA GLU B 248 21.45 -2.75 25.99
C GLU B 248 21.52 -1.22 25.90
N GLU B 249 22.14 -0.71 24.85
CA GLU B 249 22.39 0.73 24.74
C GLU B 249 21.14 1.53 24.39
N VAL B 250 20.24 0.95 23.60
CA VAL B 250 19.07 1.69 23.14
C VAL B 250 17.95 1.79 24.18
N SER B 251 17.81 0.77 25.02
CA SER B 251 16.74 0.75 26.01
C SER B 251 16.90 1.87 27.04
N LYS B 252 18.14 2.25 27.33
CA LYS B 252 18.38 3.28 28.33
C LYS B 252 17.72 4.60 27.89
N LYS B 253 17.64 4.79 26.57
CA LYS B 253 17.12 6.02 25.97
C LYS B 253 15.65 5.97 25.56
N SER B 254 14.97 4.87 25.79
CA SER B 254 13.61 4.69 25.27
C SER B 254 12.50 4.87 26.31
N SER B 255 11.44 5.59 25.93
CA SER B 255 10.25 5.67 26.78
C SER B 255 9.57 4.30 26.85
N TYR B 256 9.45 3.64 25.70
CA TYR B 256 8.93 2.29 25.61
C TYR B 256 9.75 1.47 24.61
N ILE B 257 9.94 0.19 24.88
CA ILE B 257 10.72 -0.64 23.97
C ILE B 257 10.42 -2.14 24.10
N THR B 258 10.28 -2.82 22.96
CA THR B 258 10.06 -4.25 22.93
C THR B 258 11.30 -5.05 23.26
N PRO B 259 11.20 -5.97 24.21
CA PRO B 259 12.26 -6.95 24.40
C PRO B 259 12.30 -7.95 23.24
N VAL B 260 13.43 -8.63 23.09
CA VAL B 260 13.52 -9.77 22.21
C VAL B 260 14.35 -10.83 22.92
N PRO B 261 13.78 -12.02 23.09
CA PRO B 261 12.40 -12.29 22.67
C PRO B 261 11.36 -11.77 23.66
N GLY B 262 10.08 -12.04 23.37
CA GLY B 262 9.00 -11.72 24.29
C GLY B 262 8.29 -10.41 23.99
N GLY B 263 8.50 -9.87 22.80
CA GLY B 263 7.91 -8.59 22.44
C GLY B 263 6.90 -8.75 21.32
N VAL B 264 7.38 -8.60 20.09
CA VAL B 264 6.54 -8.73 18.91
C VAL B 264 6.19 -10.20 18.59
N GLY B 265 7.14 -11.09 18.85
CA GLY B 265 6.98 -12.50 18.54
C GLY B 265 5.67 -13.07 19.04
N PRO B 266 5.47 -13.00 20.36
CA PRO B 266 4.23 -13.59 20.88
C PRO B 266 3.02 -12.86 20.35
N MSE B 267 3.16 -11.56 20.07
CA MSE B 267 2.06 -10.80 19.46
C MSE B 267 1.70 -11.26 18.05
O MSE B 267 0.51 -11.33 17.69
CB MSE B 267 2.37 -9.30 19.47
CG MSE B 267 2.33 -8.72 20.87
SE MSE B 267 0.59 -9.10 21.66
CE MSE B 267 -0.53 -8.39 20.24
N THR B 268 2.71 -11.56 17.24
CA THR B 268 2.48 -12.14 15.93
C THR B 268 1.60 -13.39 16.07
N ILE B 269 2.04 -14.36 16.88
CA ILE B 269 1.27 -15.58 17.10
C ILE B 269 -0.17 -15.30 17.57
N ALA B 270 -0.34 -14.37 18.50
CA ALA B 270 -1.68 -14.05 18.97
C ALA B 270 -2.59 -13.51 17.86
N MSE B 271 -2.06 -12.66 16.98
CA MSE B 271 -2.85 -12.16 15.83
C MSE B 271 -3.25 -13.26 14.85
O MSE B 271 -4.36 -13.24 14.28
CB MSE B 271 -2.11 -11.06 15.08
CG MSE B 271 -2.04 -9.73 15.83
SE MSE B 271 -3.71 -9.30 16.76
CE MSE B 271 -3.14 -9.81 18.54
N LEU B 272 -2.36 -14.24 14.64
CA LEU B 272 -2.71 -15.37 13.80
C LEU B 272 -3.93 -16.10 14.40
N LEU B 273 -3.97 -16.18 15.71
CA LEU B 273 -5.08 -16.83 16.39
C LEU B 273 -6.37 -16.03 16.28
N GLU B 274 -6.32 -14.71 16.55
CA GLU B 274 -7.50 -13.87 16.46
C GLU B 274 -8.10 -13.99 15.08
N ASN B 275 -7.25 -13.93 14.06
CA ASN B 275 -7.73 -13.97 12.67
C ASN B 275 -8.42 -15.29 12.35
N THR B 276 -7.84 -16.39 12.85
CA THR B 276 -8.41 -17.69 12.53
C THR B 276 -9.85 -17.79 13.08
N VAL B 277 -10.04 -17.29 14.29
CA VAL B 277 -11.31 -17.30 15.00
C VAL B 277 -12.34 -16.30 14.43
N LYS B 278 -11.85 -15.14 13.97
CA LYS B 278 -12.71 -14.17 13.30
C LYS B 278 -13.34 -14.84 12.09
N SER B 279 -12.55 -15.57 11.33
CA SER B 279 -13.05 -16.31 10.18
C SER B 279 -14.09 -17.36 10.60
N ALA B 280 -13.83 -18.05 11.70
CA ALA B 280 -14.77 -19.05 12.19
C ALA B 280 -16.06 -18.36 12.58
N LYS B 281 -15.95 -17.27 13.34
CA LYS B 281 -17.13 -16.53 13.77
C LYS B 281 -18.11 -16.22 12.63
N ASN B 282 -17.59 -15.97 11.44
CA ASN B 282 -18.42 -15.57 10.29
C ASN B 282 -19.41 -16.63 9.84
N ARG B 283 -19.07 -17.89 10.11
CA ARG B 283 -19.93 -18.99 9.70
C ARG B 283 -21.33 -18.86 10.30
N LEU B 284 -21.42 -18.22 11.46
CA LEU B 284 -22.71 -17.98 12.11
C LEU B 284 -23.59 -17.05 11.28
PA NAD C . -7.29 14.89 -0.81
O1A NAD C . -8.11 13.61 -0.77
O2A NAD C . -8.07 16.01 -0.15
O5B NAD C . -5.95 14.60 -0.07
C5B NAD C . -5.20 15.62 0.54
C4B NAD C . -4.01 15.15 1.27
O4B NAD C . -3.13 16.23 1.47
C3B NAD C . -4.46 14.65 2.60
O3B NAD C . -3.64 13.58 2.98
C2B NAD C . -4.29 15.78 3.40
O2B NAD C . -4.16 15.49 4.76
C1B NAD C . -3.09 16.46 2.83
N9A NAD C . -3.05 17.90 3.09
C8A NAD C . -4.03 18.81 2.89
N7A NAD C . -3.64 20.01 3.34
C5A NAD C . -2.39 19.88 3.83
C6A NAD C . -1.45 20.73 4.42
N6A NAD C . -1.76 22.10 4.65
N1A NAD C . -0.26 20.26 4.81
C2A NAD C . 0.06 18.98 4.65
N3A NAD C . -0.80 18.12 4.09
C4A NAD C . -2.02 18.53 3.68
O3 NAD C . -7.01 15.29 -2.30
PN NAD C . -6.34 14.50 -3.51
O1N NAD C . -5.18 13.65 -3.04
O2N NAD C . -7.34 13.74 -4.34
O5D NAD C . -5.68 15.61 -4.42
C5D NAD C . -4.83 16.61 -3.91
C4D NAD C . -4.48 17.68 -4.93
O4D NAD C . -4.13 17.09 -6.16
C3D NAD C . -5.76 18.47 -5.15
O3D NAD C . -5.40 19.79 -5.43
C2D NAD C . -6.36 17.79 -6.40
O2D NAD C . -7.16 18.68 -7.12
C1D NAD C . -5.08 17.46 -7.16
N1N NAD C . -5.26 16.39 -8.17
C2N NAD C . -4.84 16.63 -9.46
C3N NAD C . -5.24 15.78 -10.50
C7N NAD C . -5.10 16.23 -11.93
O7N NAD C . -5.98 15.77 -12.94
N7N NAD C . -4.10 17.04 -12.22
C4N NAD C . -5.57 14.46 -10.16
C5N NAD C . -5.63 14.12 -8.81
C6N NAD C . -5.69 15.13 -7.84
C1 GOL D . 3.85 1.85 1.64
O1 GOL D . 2.73 1.07 2.05
C2 GOL D . 3.46 3.32 1.56
O2 GOL D . 4.25 4.15 2.40
C3 GOL D . 1.96 3.41 1.87
O3 GOL D . 1.27 3.92 0.71
PA NAD E . 13.22 -9.14 4.49
O1A NAD E . 12.34 -9.69 3.39
O2A NAD E . 14.68 -9.56 4.36
O5B NAD E . 13.13 -7.59 4.39
C5B NAD E . 14.13 -6.77 4.94
C4B NAD E . 13.98 -5.32 4.79
O4B NAD E . 14.93 -4.68 5.57
C3B NAD E . 14.26 -4.99 3.37
O3B NAD E . 13.40 -3.98 2.92
C2B NAD E . 15.59 -4.54 3.36
O2B NAD E . 15.81 -3.57 2.39
C1B NAD E . 15.79 -3.98 4.74
N9A NAD E . 17.17 -4.03 5.25
C8A NAD E . 17.96 -5.13 5.38
N7A NAD E . 19.14 -4.78 5.89
C5A NAD E . 19.12 -3.44 6.11
C6A NAD E . 20.04 -2.52 6.60
N6A NAD E . 21.34 -2.95 7.03
N1A NAD E . 19.71 -1.22 6.69
C2A NAD E . 18.49 -0.81 6.28
N3A NAD E . 17.58 -1.67 5.80
C4A NAD E . 17.87 -2.97 5.70
O3 NAD E . 12.74 -9.62 5.93
PN NAD E . 11.28 -9.60 6.59
O1N NAD E . 10.70 -8.20 6.60
O2N NAD E . 10.39 -10.59 5.89
O5D NAD E . 11.46 -9.94 8.13
C5D NAD E . 12.13 -8.99 8.95
C4D NAD E . 12.99 -9.46 10.11
O4D NAD E . 12.19 -9.66 11.26
C3D NAD E . 13.60 -10.81 9.75
O3D NAD E . 14.84 -10.97 10.42
C2D NAD E . 12.61 -11.83 10.30
O2D NAD E . 13.32 -12.94 10.82
C1D NAD E . 11.91 -11.06 11.43
N1N NAD E . 10.44 -11.34 11.46
C2N NAD E . 9.86 -11.66 12.67
C3N NAD E . 8.53 -12.11 12.75
C7N NAD E . 8.14 -13.04 13.87
O7N NAD E . 7.58 -12.54 15.06
N7N NAD E . 8.25 -14.36 13.67
C4N NAD E . 7.81 -12.11 11.56
C5N NAD E . 8.28 -11.31 10.53
C6N NAD E . 9.65 -11.16 10.36
#